data_7WZ5
#
_entry.id   7WZ5
#
_cell.length_a   36.310
_cell.length_b   60.620
_cell.length_c   81.220
_cell.angle_alpha   90.00
_cell.angle_beta   90.00
_cell.angle_gamma   90.00
#
_symmetry.space_group_name_H-M   'P 21 21 21'
#
loop_
_entity.id
_entity.type
_entity.pdbx_description
1 polymer 'Interferon C'
2 non-polymer 2-acetamido-2-deoxy-beta-D-glucopyranose
3 water water
#
_entity_poly.entity_id   1
_entity_poly.type   'polypeptide(L)'
_entity_poly.pdbx_seq_one_letter_code
;PTCQLEGDLVQSAHHLLRDLGADFPEHCLPYNAQISFPSSAFPAATANHPQCHKSLWVVHESLREAGLVFQDNDIPVGEG
GVTWNDQKLEDFQNLQYRLVEEGSCLSSVNGSGVLSSYFSNVTAVLQEQDSAACGWMALRRDLLWVLKSALQKHRTCFTW
R
;
_entity_poly.pdbx_strand_id   A
#
loop_
_chem_comp.id
_chem_comp.type
_chem_comp.name
_chem_comp.formula
NAG D-saccharide, beta linking 2-acetamido-2-deoxy-beta-D-glucopyranose 'C8 H15 N O6'
#
# COMPACT_ATOMS: atom_id res chain seq x y z
N PRO A 1 17.13 16.12 6.15
CA PRO A 1 15.83 15.59 5.69
C PRO A 1 14.68 16.07 6.56
N THR A 2 13.64 16.60 5.93
CA THR A 2 12.51 17.17 6.66
C THR A 2 11.47 16.13 7.08
N CYS A 3 11.68 14.85 6.75
CA CYS A 3 10.77 13.73 7.02
C CYS A 3 9.29 14.10 6.94
N GLN A 4 8.80 14.31 5.73
CA GLN A 4 7.40 14.58 5.54
C GLN A 4 6.97 13.78 4.32
N LEU A 5 5.74 13.30 4.33
CA LEU A 5 5.19 12.67 3.14
C LEU A 5 4.45 13.76 2.37
N GLU A 6 4.84 13.93 1.12
CA GLU A 6 4.23 14.95 0.28
C GLU A 6 2.87 14.47 -0.20
N GLY A 7 1.83 15.26 0.10
CA GLY A 7 0.49 14.86 -0.27
C GLY A 7 0.31 14.70 -1.76
N ASP A 8 0.97 15.55 -2.54
CA ASP A 8 0.81 15.46 -3.99
C ASP A 8 1.37 14.15 -4.52
N LEU A 9 2.43 13.63 -3.91
CA LEU A 9 2.94 12.33 -4.31
C LEU A 9 2.01 11.22 -3.90
N VAL A 10 1.43 11.29 -2.70
CA VAL A 10 0.51 10.27 -2.25
C VAL A 10 -0.72 10.25 -3.15
N GLN A 11 -1.24 11.43 -3.49
CA GLN A 11 -2.42 11.51 -4.35
C GLN A 11 -2.14 10.97 -5.74
N SER A 12 -0.97 11.32 -6.31
CA SER A 12 -0.62 10.83 -7.63
C SER A 12 -0.34 9.34 -7.60
N ALA A 13 0.30 8.85 -6.54
CA ALA A 13 0.49 7.39 -6.42
C ALA A 13 -0.86 6.68 -6.40
N HIS A 14 -1.81 7.20 -5.64
CA HIS A 14 -3.13 6.59 -5.61
C HIS A 14 -3.75 6.58 -7.01
N HIS A 15 -3.67 7.70 -7.73
CA HIS A 15 -4.29 7.77 -9.04
C HIS A 15 -3.65 6.77 -10.00
N LEU A 16 -2.32 6.66 -9.99
CA LEU A 16 -1.65 5.72 -10.88
C LEU A 16 -2.05 4.29 -10.54
N LEU A 17 -2.06 3.95 -9.25
CA LEU A 17 -2.43 2.61 -8.86
C LEU A 17 -3.89 2.31 -9.23
N ARG A 18 -4.76 3.30 -9.09
CA ARG A 18 -6.16 3.14 -9.50
C ARG A 18 -6.27 2.88 -10.99
N ASP A 19 -5.48 3.59 -11.78
CA ASP A 19 -5.67 3.61 -13.22
C ASP A 19 -5.01 2.41 -13.88
N LEU A 20 -4.09 1.75 -13.21
CA LEU A 20 -3.32 0.70 -13.86
C LEU A 20 -4.01 -0.65 -13.85
N GLY A 21 -5.12 -0.78 -13.13
CA GLY A 21 -5.82 -2.05 -13.04
C GLY A 21 -7.33 -1.89 -12.97
N ALA A 22 -8.01 -2.93 -12.51
CA ALA A 22 -9.47 -2.94 -12.50
C ALA A 22 -9.97 -3.27 -11.10
N ASP A 23 -11.29 -3.45 -10.95
CA ASP A 23 -11.83 -3.79 -9.64
C ASP A 23 -11.37 -5.18 -9.22
N PHE A 24 -11.31 -5.39 -7.92
CA PHE A 24 -10.98 -6.68 -7.33
C PHE A 24 -12.00 -7.70 -7.81
N PRO A 25 -11.59 -8.80 -8.44
CA PRO A 25 -12.56 -9.70 -9.05
C PRO A 25 -13.19 -10.66 -8.05
N GLU A 26 -14.43 -11.04 -8.34
CA GLU A 26 -15.19 -11.88 -7.43
C GLU A 26 -14.49 -13.20 -7.14
N HIS A 27 -13.81 -13.78 -8.14
CA HIS A 27 -13.21 -15.09 -7.91
C HIS A 27 -12.07 -15.03 -6.89
N CYS A 28 -11.57 -13.85 -6.55
CA CYS A 28 -10.51 -13.73 -5.56
C CYS A 28 -11.03 -13.58 -4.13
N LEU A 29 -12.35 -13.50 -3.94
CA LEU A 29 -12.92 -13.36 -2.60
C LEU A 29 -12.37 -14.32 -1.55
N PRO A 30 -12.16 -15.60 -1.82
CA PRO A 30 -11.68 -16.48 -0.74
C PRO A 30 -10.38 -16.01 -0.10
N TYR A 31 -9.54 -15.30 -0.85
CA TYR A 31 -8.26 -14.89 -0.29
C TYR A 31 -8.39 -13.79 0.76
N ASN A 32 -9.60 -13.27 0.99
CA ASN A 32 -9.79 -12.29 2.05
C ASN A 32 -9.57 -12.90 3.43
N ALA A 33 -9.66 -14.23 3.55
CA ALA A 33 -9.32 -14.89 4.81
C ALA A 33 -7.84 -14.70 5.15
N GLN A 34 -6.98 -14.68 4.14
CA GLN A 34 -5.55 -14.52 4.30
C GLN A 34 -5.11 -13.08 4.19
N ILE A 35 -5.72 -12.31 3.32
CA ILE A 35 -5.27 -10.96 3.00
C ILE A 35 -6.40 -10.03 3.42
N SER A 36 -6.28 -9.52 4.65
CA SER A 36 -7.29 -8.70 5.30
C SER A 36 -6.53 -7.55 5.95
N PHE A 37 -6.62 -6.38 5.36
CA PHE A 37 -5.77 -5.29 5.85
C PHE A 37 -6.26 -4.86 7.21
N PRO A 38 -5.37 -4.71 8.18
CA PRO A 38 -5.82 -4.28 9.51
C PRO A 38 -6.19 -2.81 9.50
N SER A 39 -7.43 -2.49 9.14
CA SER A 39 -7.85 -1.09 9.07
C SER A 39 -7.70 -0.38 10.41
N SER A 40 -7.71 -1.12 11.52
CA SER A 40 -7.46 -0.56 12.84
C SER A 40 -6.03 -0.06 13.01
N ALA A 41 -5.14 -0.30 12.06
CA ALA A 41 -3.80 0.31 12.13
C ALA A 41 -3.88 1.82 12.08
N PHE A 42 -4.88 2.38 11.39
CA PHE A 42 -5.03 3.83 11.40
C PHE A 42 -5.64 4.28 12.72
N PRO A 43 -5.18 5.40 13.26
CA PRO A 43 -5.74 5.92 14.51
C PRO A 43 -7.04 6.66 14.24
N ALA A 44 -7.82 6.80 15.30
CA ALA A 44 -9.02 7.64 15.27
C ALA A 44 -8.62 9.06 15.66
N ALA A 45 -8.59 9.96 14.68
CA ALA A 45 -8.23 11.35 14.96
C ALA A 45 -9.32 12.02 15.79
N THR A 46 -8.89 12.83 16.75
CA THR A 46 -9.81 13.62 17.58
C THR A 46 -9.38 15.08 17.54
N ALA A 47 -10.18 15.93 18.16
CA ALA A 47 -9.82 17.35 18.27
C ALA A 47 -8.54 17.50 19.07
N ASN A 48 -7.56 18.19 18.49
CA ASN A 48 -6.21 18.36 19.03
C ASN A 48 -5.37 17.09 19.04
N HIS A 49 -5.87 15.98 18.50
CA HIS A 49 -5.09 14.74 18.40
C HIS A 49 -5.27 14.15 17.02
N PRO A 50 -4.67 14.78 16.00
CA PRO A 50 -4.77 14.23 14.65
C PRO A 50 -4.03 12.91 14.47
N GLN A 51 -3.18 12.54 15.42
CA GLN A 51 -2.41 11.30 15.38
C GLN A 51 -1.68 11.13 14.05
N CYS A 52 -1.01 12.20 13.64
CA CYS A 52 -0.37 12.22 12.34
C CYS A 52 0.81 11.26 12.28
N HIS A 53 1.59 11.13 13.37
CA HIS A 53 2.70 10.20 13.34
C HIS A 53 2.25 8.78 13.01
N LYS A 54 1.19 8.30 13.67
CA LYS A 54 0.72 6.95 13.40
C LYS A 54 0.08 6.83 12.01
N SER A 55 -0.65 7.86 11.58
CA SER A 55 -1.27 7.82 10.26
C SER A 55 -0.21 7.78 9.17
N LEU A 56 0.81 8.63 9.29
CA LEU A 56 1.89 8.60 8.32
C LEU A 56 2.67 7.30 8.37
N TRP A 57 2.82 6.72 9.56
CA TRP A 57 3.51 5.43 9.68
C TRP A 57 2.79 4.36 8.88
N VAL A 58 1.46 4.29 9.00
CA VAL A 58 0.71 3.28 8.25
C VAL A 58 0.97 3.42 6.76
N VAL A 59 0.89 4.64 6.24
CA VAL A 59 1.14 4.87 4.81
C VAL A 59 2.58 4.51 4.45
N HIS A 60 3.55 5.05 5.17
CA HIS A 60 4.94 4.81 4.83
C HIS A 60 5.29 3.33 4.94
N GLU A 61 4.87 2.69 6.04
CA GLU A 61 5.23 1.28 6.23
C GLU A 61 4.54 0.39 5.19
N SER A 62 3.30 0.70 4.84
CA SER A 62 2.64 -0.06 3.79
C SER A 62 3.35 0.08 2.45
N LEU A 63 3.76 1.31 2.11
CA LEU A 63 4.51 1.51 0.87
C LEU A 63 5.88 0.85 0.93
N ARG A 64 6.57 0.91 2.08
CA ARG A 64 7.88 0.29 2.20
C ARG A 64 7.77 -1.22 2.05
N GLU A 65 6.83 -1.82 2.75
CA GLU A 65 6.66 -3.27 2.68
C GLU A 65 6.19 -3.69 1.29
N ALA A 66 5.30 -2.92 0.67
CA ALA A 66 4.91 -3.25 -0.70
C ALA A 66 6.10 -3.15 -1.65
N GLY A 67 7.01 -2.22 -1.42
CA GLY A 67 8.20 -2.15 -2.23
C GLY A 67 9.01 -3.43 -2.16
N LEU A 68 9.12 -4.00 -0.96
CA LEU A 68 9.83 -5.27 -0.83
C LEU A 68 9.10 -6.38 -1.56
N VAL A 69 7.78 -6.39 -1.49
CA VAL A 69 6.99 -7.40 -2.20
C VAL A 69 7.25 -7.32 -3.71
N PHE A 70 7.22 -6.10 -4.27
CA PHE A 70 7.49 -5.94 -5.70
C PHE A 70 8.90 -6.39 -6.04
N GLN A 71 9.86 -6.10 -5.16
CA GLN A 71 11.24 -6.49 -5.47
C GLN A 71 11.38 -8.01 -5.47
N ASP A 72 10.66 -8.69 -4.60
CA ASP A 72 10.92 -10.10 -4.34
C ASP A 72 10.04 -11.07 -5.11
N ASN A 73 9.04 -10.59 -5.85
CA ASN A 73 8.07 -11.49 -6.46
C ASN A 73 7.77 -11.04 -7.88
N ASP A 74 7.73 -12.01 -8.80
CA ASP A 74 7.33 -11.73 -10.18
C ASP A 74 5.82 -11.62 -10.28
N ILE A 75 5.35 -10.69 -11.11
CA ILE A 75 3.93 -10.54 -11.39
C ILE A 75 3.57 -11.44 -12.57
N PRO A 76 2.62 -12.37 -12.42
CA PRO A 76 2.21 -13.20 -13.55
C PRO A 76 1.34 -12.40 -14.51
N VAL A 77 1.47 -12.71 -15.80
CA VAL A 77 0.90 -11.85 -16.83
C VAL A 77 -0.07 -12.58 -17.75
N GLY A 78 0.11 -13.87 -17.94
CA GLY A 78 -0.70 -14.62 -18.88
C GLY A 78 -2.11 -14.84 -18.38
N GLU A 79 -2.76 -15.86 -18.92
CA GLU A 79 -3.97 -16.35 -18.31
C GLU A 79 -3.63 -16.91 -16.93
N GLY A 80 -4.46 -16.58 -15.95
CA GLY A 80 -4.08 -16.82 -14.58
C GLY A 80 -3.14 -15.80 -14.00
N GLY A 81 -2.87 -14.71 -14.73
CA GLY A 81 -2.09 -13.62 -14.24
C GLY A 81 -2.92 -12.37 -14.00
N VAL A 82 -2.23 -11.23 -13.94
CA VAL A 82 -2.91 -9.95 -13.82
C VAL A 82 -2.69 -9.17 -15.10
N THR A 83 -3.63 -8.29 -15.41
CA THR A 83 -3.56 -7.45 -16.60
C THR A 83 -3.45 -6.02 -16.09
N TRP A 84 -2.23 -5.59 -15.82
CA TRP A 84 -1.95 -4.25 -15.31
C TRP A 84 -1.21 -3.46 -16.38
N ASN A 85 -1.39 -2.13 -16.34
CA ASN A 85 -0.65 -1.22 -17.22
C ASN A 85 0.78 -1.13 -16.69
N ASP A 86 1.73 -1.76 -17.39
CA ASP A 86 3.09 -1.85 -16.88
C ASP A 86 3.78 -0.49 -16.79
N GLN A 87 3.46 0.42 -17.71
CA GLN A 87 4.07 1.75 -17.66
C GLN A 87 3.58 2.52 -16.45
N LYS A 88 2.28 2.49 -16.16
CA LYS A 88 1.81 3.15 -14.97
C LYS A 88 2.29 2.46 -13.71
N LEU A 89 2.50 1.14 -13.76
CA LEU A 89 3.08 0.45 -12.61
C LEU A 89 4.49 0.98 -12.31
N GLU A 90 5.32 1.12 -13.33
CA GLU A 90 6.66 1.67 -13.14
C GLU A 90 6.59 3.09 -12.58
N ASP A 91 5.66 3.90 -13.09
CA ASP A 91 5.51 5.25 -12.58
C ASP A 91 5.06 5.23 -11.12
N PHE A 92 4.12 4.34 -10.78
CA PHE A 92 3.72 4.21 -9.39
C PHE A 92 4.90 3.83 -8.51
N GLN A 93 5.73 2.89 -8.96
CA GLN A 93 6.84 2.47 -8.13
C GLN A 93 7.85 3.59 -7.93
N ASN A 94 8.02 4.46 -8.92
CA ASN A 94 8.93 5.58 -8.76
C ASN A 94 8.40 6.55 -7.70
N LEU A 95 7.10 6.82 -7.69
CA LEU A 95 6.54 7.67 -6.65
C LEU A 95 6.59 6.98 -5.30
N GLN A 96 6.29 5.70 -5.27
CA GLN A 96 6.40 4.92 -4.04
C GLN A 96 7.81 5.01 -3.45
N TYR A 97 8.84 4.82 -4.27
CA TYR A 97 10.21 4.91 -3.79
C TYR A 97 10.52 6.29 -3.21
N ARG A 98 10.08 7.35 -3.90
CA ARG A 98 10.31 8.69 -3.39
C ARG A 98 9.66 8.88 -2.02
N LEU A 99 8.43 8.39 -1.88
CA LEU A 99 7.72 8.50 -0.60
C LEU A 99 8.42 7.69 0.49
N VAL A 100 8.89 6.49 0.17
CA VAL A 100 9.55 5.67 1.18
C VAL A 100 10.85 6.32 1.63
N GLU A 101 11.62 6.88 0.69
CA GLU A 101 12.88 7.52 1.06
C GLU A 101 12.62 8.79 1.88
N GLU A 102 11.71 9.64 1.43
CA GLU A 102 11.54 10.90 2.14
C GLU A 102 10.96 10.71 3.53
N GLY A 103 10.24 9.62 3.76
CA GLY A 103 9.66 9.39 5.08
C GLY A 103 10.43 8.39 5.91
N SER A 104 11.74 8.24 5.66
CA SER A 104 12.54 7.23 6.34
C SER A 104 12.41 7.29 7.86
N CYS A 105 12.25 8.49 8.43
CA CYS A 105 12.16 8.59 9.88
C CYS A 105 10.94 7.88 10.44
N LEU A 106 9.91 7.66 9.63
CA LEU A 106 8.72 6.97 10.12
C LEU A 106 8.99 5.49 10.35
N SER A 107 9.91 4.91 9.60
CA SER A 107 10.29 3.52 9.79
C SER A 107 11.39 3.35 10.81
N SER A 108 11.93 4.45 11.34
CA SER A 108 12.99 4.37 12.33
C SER A 108 12.48 3.92 13.68
N VAL A 109 11.16 3.92 13.88
CA VAL A 109 10.53 3.44 15.09
C VAL A 109 9.84 2.12 14.75
N ASN A 110 10.23 1.05 15.45
CA ASN A 110 9.55 -0.22 15.29
C ASN A 110 8.08 -0.07 15.69
N GLY A 111 7.20 -0.57 14.83
CA GLY A 111 5.77 -0.56 15.09
C GLY A 111 5.28 -1.90 15.60
N SER A 112 3.97 -1.98 15.75
CA SER A 112 3.33 -3.24 16.06
C SER A 112 3.52 -4.21 14.89
N GLY A 113 3.51 -5.50 15.20
CA GLY A 113 3.63 -6.49 14.15
C GLY A 113 2.44 -6.58 13.23
N VAL A 114 1.44 -5.71 13.40
CA VAL A 114 0.18 -5.88 12.66
C VAL A 114 0.40 -5.74 11.16
N LEU A 115 1.26 -4.81 10.74
CA LEU A 115 1.47 -4.65 9.31
C LEU A 115 2.36 -5.76 8.76
N SER A 116 3.43 -6.12 9.49
CA SER A 116 4.29 -7.19 9.01
C SER A 116 3.53 -8.50 8.87
N SER A 117 2.57 -8.76 9.76
CA SER A 117 1.78 -9.99 9.67
C SER A 117 0.91 -9.99 8.43
N TYR A 118 0.31 -8.85 8.10
CA TYR A 118 -0.44 -8.74 6.87
C TYR A 118 0.45 -9.04 5.66
N PHE A 119 1.64 -8.44 5.61
CA PHE A 119 2.51 -8.63 4.47
C PHE A 119 3.06 -10.05 4.39
N SER A 120 3.25 -10.71 5.54
CA SER A 120 3.66 -12.11 5.52
C SER A 120 2.57 -12.98 4.89
N ASN A 121 1.30 -12.66 5.17
CA ASN A 121 0.21 -13.39 4.55
C ASN A 121 0.14 -13.11 3.04
N VAL A 122 0.34 -11.86 2.65
CA VAL A 122 0.37 -11.53 1.22
C VAL A 122 1.44 -12.35 0.52
N THR A 123 2.65 -12.34 1.08
CA THR A 123 3.77 -13.06 0.50
C THR A 123 3.44 -14.55 0.33
N ALA A 124 2.80 -15.17 1.32
CA ALA A 124 2.50 -16.60 1.20
C ALA A 124 1.57 -16.86 0.02
N VAL A 125 0.61 -15.97 -0.22
CA VAL A 125 -0.30 -16.13 -1.35
C VAL A 125 0.41 -15.88 -2.67
N LEU A 126 1.29 -14.87 -2.72
CA LEU A 126 2.00 -14.56 -3.97
C LEU A 126 2.95 -15.67 -4.39
N GLN A 127 3.45 -16.45 -3.44
CA GLN A 127 4.53 -17.40 -3.69
C GLN A 127 4.01 -18.79 -3.98
N GLU A 128 2.73 -18.93 -4.27
CA GLU A 128 2.15 -20.13 -4.86
C GLU A 128 1.51 -19.74 -6.18
N GLN A 129 1.90 -20.43 -7.25
CA GLN A 129 1.50 -20.02 -8.59
C GLN A 129 -0.02 -19.97 -8.75
N ASP A 130 -0.74 -20.89 -8.12
CA ASP A 130 -2.18 -20.94 -8.32
C ASP A 130 -2.90 -19.77 -7.67
N SER A 131 -2.32 -19.15 -6.64
CA SER A 131 -2.98 -18.05 -5.94
C SER A 131 -2.36 -16.70 -6.23
N ALA A 132 -1.23 -16.64 -6.97
CA ALA A 132 -0.43 -15.43 -7.04
C ALA A 132 -1.22 -14.24 -7.58
N ALA A 133 -1.97 -14.44 -8.67
CA ALA A 133 -2.66 -13.31 -9.28
C ALA A 133 -3.68 -12.70 -8.32
N CYS A 134 -4.41 -13.54 -7.58
CA CYS A 134 -5.35 -13.02 -6.60
C CYS A 134 -4.64 -12.28 -5.49
N GLY A 135 -3.47 -12.78 -5.08
CA GLY A 135 -2.68 -12.07 -4.07
C GLY A 135 -2.28 -10.68 -4.53
N TRP A 136 -1.84 -10.57 -5.79
CA TRP A 136 -1.45 -9.27 -6.31
C TRP A 136 -2.64 -8.33 -6.35
N MET A 137 -3.81 -8.85 -6.73
CA MET A 137 -5.00 -8.02 -6.84
C MET A 137 -5.50 -7.61 -5.46
N ALA A 138 -5.39 -8.49 -4.46
CA ALA A 138 -5.76 -8.13 -3.10
C ALA A 138 -4.81 -7.08 -2.53
N LEU A 139 -3.51 -7.25 -2.78
CA LEU A 139 -2.56 -6.26 -2.31
C LEU A 139 -2.84 -4.90 -2.92
N ARG A 140 -3.08 -4.86 -4.23
CA ARG A 140 -3.40 -3.60 -4.87
C ARG A 140 -4.66 -2.99 -4.28
N ARG A 141 -5.69 -3.79 -4.08
CA ARG A 141 -6.93 -3.29 -3.48
C ARG A 141 -6.65 -2.63 -2.15
N ASP A 142 -5.86 -3.29 -1.31
CA ASP A 142 -5.61 -2.77 0.03
C ASP A 142 -4.72 -1.55 0.02
N LEU A 143 -3.70 -1.53 -0.86
CA LEU A 143 -2.87 -0.34 -0.96
C LEU A 143 -3.67 0.86 -1.45
N LEU A 144 -4.58 0.64 -2.40
CA LEU A 144 -5.47 1.70 -2.84
C LEU A 144 -6.25 2.27 -1.67
N TRP A 145 -6.78 1.37 -0.82
CA TRP A 145 -7.56 1.82 0.32
C TRP A 145 -6.70 2.57 1.33
N VAL A 146 -5.48 2.09 1.59
CA VAL A 146 -4.58 2.79 2.51
C VAL A 146 -4.36 4.22 2.03
N LEU A 147 -4.07 4.39 0.74
CA LEU A 147 -3.78 5.73 0.22
C LEU A 147 -5.05 6.58 0.20
N LYS A 148 -6.16 6.01 -0.24
CA LYS A 148 -7.42 6.76 -0.26
C LYS A 148 -7.82 7.19 1.14
N SER A 149 -7.76 6.25 2.09
CA SER A 149 -8.20 6.54 3.46
C SER A 149 -7.31 7.57 4.12
N ALA A 150 -6.00 7.47 3.89
CA ALA A 150 -5.11 8.47 4.46
C ALA A 150 -5.45 9.86 3.92
N LEU A 151 -5.73 9.97 2.62
CA LEU A 151 -6.05 11.27 2.05
C LEU A 151 -7.41 11.75 2.50
N GLN A 152 -8.35 10.81 2.70
CA GLN A 152 -9.70 11.19 3.08
C GLN A 152 -9.80 11.58 4.56
N LYS A 153 -9.10 10.84 5.44
CA LYS A 153 -9.28 11.03 6.87
C LYS A 153 -8.10 11.68 7.55
N HIS A 154 -6.95 11.78 6.88
CA HIS A 154 -5.73 12.25 7.50
C HIS A 154 -4.99 13.23 6.60
N ARG A 155 -5.75 14.00 5.81
CA ARG A 155 -5.16 14.90 4.82
C ARG A 155 -4.18 15.87 5.45
N THR A 156 -4.47 16.33 6.66
CA THR A 156 -3.69 17.35 7.36
C THR A 156 -2.30 16.86 7.71
N CYS A 157 -2.07 15.56 7.66
CA CYS A 157 -0.79 14.98 8.05
C CYS A 157 0.24 15.06 6.94
N PHE A 158 -0.18 15.27 5.71
CA PHE A 158 0.71 15.37 4.59
C PHE A 158 1.05 16.81 4.32
N THR A 159 2.16 17.04 3.64
CA THR A 159 2.54 18.38 3.24
C THR A 159 2.12 18.65 1.81
N TRP A 160 1.54 19.83 1.57
CA TRP A 160 0.87 20.13 0.30
C TRP A 160 1.55 21.27 -0.42
N ARG A 161 1.45 21.20 -1.75
CA ARG A 161 1.99 22.19 -2.71
C ARG A 161 3.47 22.00 -3.00
C1 NAG B . -3.23 -14.72 7.83
C2 NAG B . -4.07 -13.87 8.77
C3 NAG B . -4.73 -14.73 9.84
C4 NAG B . -5.49 -15.89 9.19
C5 NAG B . -4.58 -16.66 8.23
C6 NAG B . -5.33 -17.73 7.46
C7 NAG B . -3.61 -11.54 9.39
C8 NAG B . -2.64 -10.60 10.04
N2 NAG B . -3.26 -12.83 9.37
O3 NAG B . -5.62 -13.94 10.60
O4 NAG B . -5.97 -16.77 10.20
O5 NAG B . -4.04 -15.76 7.27
O6 NAG B . -4.51 -18.37 6.51
O7 NAG B . -4.67 -11.14 8.89
#